data_8PNW
#
_entry.id   8PNW
#
_cell.length_a   105.935
_cell.length_b   105.935
_cell.length_c   51.324
_cell.angle_alpha   90.00
_cell.angle_beta   90.00
_cell.angle_gamma   120.00
#
_symmetry.space_group_name_H-M   'P 31 2 1'
#
loop_
_entity.id
_entity.type
_entity.pdbx_description
1 polymer 'Branched-chain amino acid aminotransferase/4-amino-4-deoxychorismate lyase'
2 non-polymer "PYRIDOXAL-5'-PHOSPHATE"
3 non-polymer 'CHLORIDE ION'
4 water water
#
_entity_poly.entity_id   1
_entity_poly.type   'polypeptide(L)'
_entity_poly.pdbx_seq_one_letter_code
;MNEQRSVAVWRDGAAVTVPAHQPVVTAFDLGLGRGDGIFESVAVVAGRTPHLAAHLTRLTRSAALLGLPAPGDQAWMEMV
AAVLADWPAALEGVCRLFLTRGLGDGTPPTALALLAPVPADTLRQRAEGISVATLGLGVPADFRAGAPWLLGGAKTLSYA
VNMAAQRHAHDLGADDVVFTSLEGRLLEGPTSTVVWAAGGTLHTPPVETGILPGTTQARLFTAAAADGWPTSVTPGTVDD
LHAADAVWLLSGVRGAAVVHTVDGVRRGDGDLSRRVRELLA
;
_entity_poly.pdbx_strand_id   A
#
loop_
_chem_comp.id
_chem_comp.type
_chem_comp.name
_chem_comp.formula
CL non-polymer 'CHLORIDE ION' 'Cl -1'
PLP non-polymer PYRIDOXAL-5'-PHOSPHATE 'C8 H10 N O6 P'
#
# COMPACT_ATOMS: atom_id res chain seq x y z
N GLN A 4 -6.88 10.54 18.17
CA GLN A 4 -7.71 9.44 18.65
C GLN A 4 -7.54 8.23 17.71
N ARG A 5 -7.46 7.06 18.29
CA ARG A 5 -7.13 5.79 17.63
C ARG A 5 -8.19 4.80 18.09
N SER A 6 -8.42 3.75 17.32
CA SER A 6 -9.35 2.70 17.74
C SER A 6 -8.89 1.37 17.17
N VAL A 7 -9.15 0.33 17.96
CA VAL A 7 -8.68 -1.05 17.71
C VAL A 7 -9.86 -1.97 17.98
N ALA A 8 -9.99 -2.99 17.15
CA ALA A 8 -10.91 -4.12 17.38
C ALA A 8 -10.11 -5.41 17.17
N VAL A 9 -10.30 -6.41 18.04
CA VAL A 9 -9.68 -7.76 17.88
C VAL A 9 -10.79 -8.77 17.61
N TRP A 10 -10.49 -9.78 16.78
CA TRP A 10 -11.40 -10.88 16.41
C TRP A 10 -11.23 -11.96 17.47
N ARG A 11 -12.22 -12.13 18.33
CA ARG A 11 -12.18 -12.96 19.56
C ARG A 11 -13.47 -13.81 19.58
N ASP A 12 -13.36 -15.14 19.52
CA ASP A 12 -14.56 -16.04 19.63
C ASP A 12 -15.62 -15.61 18.61
N GLY A 13 -15.28 -15.51 17.32
CA GLY A 13 -16.22 -15.22 16.21
C GLY A 13 -16.94 -13.87 16.31
N ALA A 14 -16.36 -12.86 17.00
CA ALA A 14 -16.89 -11.46 17.05
C ALA A 14 -15.79 -10.40 17.16
N ALA A 15 -16.08 -9.18 16.73
CA ALA A 15 -15.16 -8.03 16.84
C ALA A 15 -15.30 -7.44 18.24
N VAL A 16 -14.20 -7.28 18.95
CA VAL A 16 -14.20 -6.70 20.32
C VAL A 16 -13.36 -5.43 20.26
N THR A 17 -13.97 -4.29 20.53
CA THR A 17 -13.26 -3.00 20.68
C THR A 17 -12.39 -3.04 21.93
N VAL A 18 -11.12 -2.62 21.82
CA VAL A 18 -10.20 -2.48 22.97
C VAL A 18 -9.60 -1.08 22.90
N PRO A 19 -9.24 -0.47 24.03
CA PRO A 19 -8.53 0.81 23.96
C PRO A 19 -7.24 0.71 23.14
N ALA A 20 -6.96 1.75 22.35
CA ALA A 20 -5.83 1.79 21.39
C ALA A 20 -4.50 1.64 22.12
N HIS A 21 -4.40 2.04 23.39
CA HIS A 21 -3.13 1.99 24.19
C HIS A 21 -2.94 0.62 24.82
N GLN A 22 -3.97 -0.23 24.82
CA GLN A 22 -3.92 -1.53 25.53
C GLN A 22 -3.18 -2.53 24.66
N PRO A 23 -2.24 -3.32 25.23
CA PRO A 23 -1.61 -4.38 24.47
C PRO A 23 -2.64 -5.36 23.92
N VAL A 24 -2.42 -5.89 22.70
CA VAL A 24 -3.34 -6.89 22.08
C VAL A 24 -2.64 -8.12 21.57
N VAL A 25 -1.32 -8.09 21.37
CA VAL A 25 -0.57 -9.27 20.86
C VAL A 25 0.41 -9.75 21.95
N THR A 26 0.52 -11.06 22.14
CA THR A 26 1.44 -11.65 23.14
C THR A 26 2.87 -11.69 22.59
N ALA A 27 3.84 -11.95 23.46
CA ALA A 27 5.25 -11.98 23.07
C ALA A 27 5.51 -13.09 22.07
N PHE A 28 4.66 -14.12 22.06
CA PHE A 28 4.89 -15.34 21.25
C PHE A 28 4.13 -15.25 19.92
N ASP A 29 3.46 -14.14 19.63
CA ASP A 29 2.73 -14.01 18.34
C ASP A 29 3.76 -13.98 17.22
N LEU A 30 3.59 -14.82 16.22
CA LEU A 30 4.54 -14.93 15.10
C LEU A 30 4.51 -13.66 14.25
N GLY A 31 3.46 -12.86 14.32
CA GLY A 31 3.40 -11.59 13.59
C GLY A 31 4.44 -10.62 14.12
N LEU A 32 4.69 -10.67 15.43
CA LEU A 32 5.74 -9.86 16.09
C LEU A 32 7.09 -10.53 15.87
N GLY A 33 7.20 -11.78 16.31
CA GLY A 33 8.51 -12.47 16.40
C GLY A 33 9.15 -12.75 15.06
N ARG A 34 8.35 -12.99 14.03
CA ARG A 34 8.86 -13.37 12.69
C ARG A 34 8.30 -12.46 11.61
N GLY A 35 7.41 -11.51 11.93
CA GLY A 35 6.83 -10.67 10.86
C GLY A 35 5.98 -11.50 9.93
N ASP A 36 5.40 -12.56 10.49
CA ASP A 36 4.73 -13.64 9.77
C ASP A 36 3.23 -13.34 9.74
N GLY A 37 2.85 -12.49 8.81
CA GLY A 37 1.46 -12.05 8.69
C GLY A 37 1.30 -11.18 7.47
N ILE A 38 0.06 -10.78 7.22
CA ILE A 38 -0.25 -9.92 6.07
C ILE A 38 -1.07 -8.74 6.58
N PHE A 39 -1.18 -7.70 5.76
CA PHE A 39 -2.00 -6.52 6.11
C PHE A 39 -2.63 -5.91 4.86
N GLU A 40 -3.60 -5.05 5.13
CA GLU A 40 -4.18 -4.08 4.19
C GLU A 40 -4.24 -2.71 4.86
N SER A 41 -4.11 -1.67 4.05
CA SER A 41 -4.20 -0.26 4.47
C SER A 41 -5.39 0.36 3.76
N VAL A 42 -6.44 0.68 4.52
CA VAL A 42 -7.75 1.09 3.97
C VAL A 42 -8.00 2.54 4.34
N ALA A 43 -8.37 3.35 3.35
CA ALA A 43 -8.70 4.76 3.56
C ALA A 43 -10.07 4.85 4.24
N VAL A 44 -10.15 5.70 5.24
CA VAL A 44 -11.43 6.08 5.85
C VAL A 44 -11.67 7.55 5.52
N VAL A 45 -12.71 7.80 4.75
CA VAL A 45 -13.00 9.17 4.27
C VAL A 45 -14.46 9.47 4.58
N ALA A 46 -14.70 10.56 5.31
CA ALA A 46 -16.07 10.97 5.68
C ALA A 46 -16.77 9.80 6.40
N GLY A 47 -16.03 9.09 7.23
CA GLY A 47 -16.53 8.00 8.08
C GLY A 47 -16.85 6.76 7.31
N ARG A 48 -16.45 6.63 6.03
CA ARG A 48 -16.73 5.43 5.20
C ARG A 48 -15.41 4.85 4.66
N THR A 49 -15.44 3.62 4.20
CA THR A 49 -14.31 2.94 3.51
C THR A 49 -14.68 2.75 2.06
N PRO A 50 -14.48 3.76 1.19
CA PRO A 50 -15.00 3.68 -0.18
C PRO A 50 -14.49 2.48 -0.99
N HIS A 51 -13.30 1.94 -0.67
CA HIS A 51 -12.67 0.90 -1.51
C HIS A 51 -12.39 -0.38 -0.71
N LEU A 52 -13.10 -0.59 0.39
CA LEU A 52 -12.86 -1.72 1.31
C LEU A 52 -12.83 -3.04 0.54
N ALA A 53 -13.82 -3.31 -0.33
CA ALA A 53 -13.88 -4.62 -1.02
C ALA A 53 -12.59 -4.95 -1.80
N ALA A 54 -12.01 -3.97 -2.50
CA ALA A 54 -10.75 -4.12 -3.25
C ALA A 54 -9.64 -4.64 -2.31
N HIS A 55 -9.56 -4.04 -1.14
CA HIS A 55 -8.55 -4.44 -0.12
C HIS A 55 -8.86 -5.85 0.41
N LEU A 56 -10.14 -6.19 0.60
CA LEU A 56 -10.48 -7.52 1.17
C LEU A 56 -10.15 -8.62 0.17
N THR A 57 -10.34 -8.37 -1.13
CA THR A 57 -9.98 -9.38 -2.15
C THR A 57 -8.47 -9.61 -2.12
N ARG A 58 -7.70 -8.53 -2.06
CA ARG A 58 -6.23 -8.69 -2.04
C ARG A 58 -5.82 -9.33 -0.70
N LEU A 59 -6.47 -9.03 0.40
CA LEU A 59 -6.15 -9.64 1.72
C LEU A 59 -6.22 -11.17 1.56
N THR A 60 -7.29 -11.67 0.95
CA THR A 60 -7.46 -13.10 0.63
C THR A 60 -6.26 -13.61 -0.19
N ARG A 61 -5.79 -12.85 -1.17
CA ARG A 61 -4.66 -13.28 -2.02
C ARG A 61 -3.36 -13.29 -1.20
N SER A 62 -3.08 -12.25 -0.41
CA SER A 62 -1.85 -12.24 0.41
C SER A 62 -1.86 -13.44 1.37
N ALA A 63 -2.97 -13.66 2.09
CA ALA A 63 -3.14 -14.80 3.02
C ALA A 63 -2.90 -16.12 2.28
N ALA A 64 -3.38 -16.28 1.03
CA ALA A 64 -3.12 -17.53 0.27
C ALA A 64 -1.60 -17.69 0.08
N LEU A 65 -0.91 -16.63 -0.32
CA LEU A 65 0.54 -16.75 -0.58
C LEU A 65 1.24 -17.19 0.71
N LEU A 66 0.81 -16.76 1.89
CA LEU A 66 1.58 -17.13 3.13
C LEU A 66 0.95 -18.36 3.80
N GLY A 67 -0.03 -19.01 3.16
CA GLY A 67 -0.72 -20.14 3.78
C GLY A 67 -1.33 -19.81 5.11
N LEU A 68 -1.99 -18.65 5.22
CA LEU A 68 -2.65 -18.17 6.46
C LEU A 68 -4.16 -18.37 6.31
N PRO A 69 -4.80 -19.08 7.26
CA PRO A 69 -6.26 -19.18 7.26
C PRO A 69 -6.86 -17.80 7.61
N ALA A 70 -7.62 -17.24 6.69
CA ALA A 70 -8.24 -15.90 6.85
C ALA A 70 -9.68 -16.02 7.36
N PRO A 71 -10.16 -15.11 8.22
CA PRO A 71 -11.51 -15.22 8.82
C PRO A 71 -12.67 -14.86 7.88
N GLY A 72 -12.41 -14.31 6.69
CA GLY A 72 -13.50 -14.09 5.71
C GLY A 72 -14.02 -12.66 5.72
N ASP A 73 -14.64 -12.26 4.60
CA ASP A 73 -15.08 -10.86 4.36
C ASP A 73 -15.97 -10.34 5.50
N GLN A 74 -16.95 -11.12 5.93
CA GLN A 74 -17.94 -10.70 6.95
C GLN A 74 -17.20 -10.33 8.24
N ALA A 75 -16.22 -11.13 8.62
CA ALA A 75 -15.41 -10.88 9.84
C ALA A 75 -14.70 -9.53 9.71
N TRP A 76 -13.99 -9.29 8.60
CA TRP A 76 -13.25 -8.02 8.42
C TRP A 76 -14.24 -6.85 8.41
N MET A 77 -15.41 -6.98 7.80
CA MET A 77 -16.38 -5.87 7.75
CA MET A 77 -16.46 -5.93 7.77
CA MET A 77 -16.36 -5.85 7.77
C MET A 77 -16.88 -5.58 9.20
N GLU A 78 -17.08 -6.61 10.04
CA GLU A 78 -17.48 -6.44 11.46
CA GLU A 78 -17.48 -6.42 11.45
C GLU A 78 -16.36 -5.69 12.21
N MET A 79 -15.11 -6.05 11.94
CA MET A 79 -13.97 -5.40 12.63
C MET A 79 -13.87 -3.92 12.19
N VAL A 80 -14.00 -3.62 10.91
CA VAL A 80 -13.97 -2.23 10.35
C VAL A 80 -15.12 -1.46 10.97
N ALA A 81 -16.32 -2.03 10.99
CA ALA A 81 -17.51 -1.39 11.60
C ALA A 81 -17.22 -1.04 13.05
N ALA A 82 -16.57 -1.95 13.79
CA ALA A 82 -16.29 -1.75 15.22
C ALA A 82 -15.38 -0.52 15.38
N VAL A 83 -14.31 -0.41 14.59
CA VAL A 83 -13.37 0.73 14.76
C VAL A 83 -13.98 2.03 14.22
N LEU A 84 -14.90 1.97 13.25
CA LEU A 84 -15.56 3.16 12.64
C LEU A 84 -16.64 3.72 13.58
N ALA A 85 -17.10 2.94 14.57
CA ALA A 85 -18.29 3.24 15.40
C ALA A 85 -18.30 4.71 15.83
N ASP A 86 -17.22 5.20 16.42
CA ASP A 86 -17.20 6.58 16.99
C ASP A 86 -16.20 7.49 16.25
N TRP A 87 -15.83 7.13 15.01
CA TRP A 87 -14.81 7.87 14.23
C TRP A 87 -15.44 9.13 13.67
N PRO A 88 -14.79 10.30 13.79
CA PRO A 88 -15.32 11.54 13.26
C PRO A 88 -15.33 11.52 11.73
N ALA A 89 -16.46 11.87 11.10
CA ALA A 89 -16.57 11.96 9.64
C ALA A 89 -15.57 12.98 9.07
N ALA A 90 -15.22 14.01 9.84
CA ALA A 90 -14.40 15.14 9.32
C ALA A 90 -12.90 14.80 9.36
N LEU A 91 -12.53 13.62 9.87
CA LEU A 91 -11.12 13.27 10.14
C LEU A 91 -10.73 12.09 9.25
N GLU A 92 -9.85 12.33 8.27
CA GLU A 92 -9.45 11.23 7.36
C GLU A 92 -8.59 10.25 8.16
N GLY A 93 -8.86 8.96 7.94
CA GLY A 93 -8.26 7.87 8.71
C GLY A 93 -7.55 6.86 7.84
N VAL A 94 -6.68 6.11 8.49
CA VAL A 94 -6.07 4.89 7.92
C VAL A 94 -6.49 3.73 8.83
N CYS A 95 -7.21 2.79 8.24
CA CYS A 95 -7.66 1.56 8.91
C CYS A 95 -6.76 0.45 8.40
N ARG A 96 -5.89 -0.08 9.24
CA ARG A 96 -5.09 -1.25 8.83
CA ARG A 96 -5.06 -1.26 8.85
C ARG A 96 -5.73 -2.54 9.36
N LEU A 97 -5.67 -3.59 8.55
CA LEU A 97 -6.15 -4.95 8.90
C LEU A 97 -4.94 -5.88 8.94
N PHE A 98 -4.71 -6.52 10.08
CA PHE A 98 -3.55 -7.42 10.29
C PHE A 98 -4.08 -8.83 10.44
N LEU A 99 -3.43 -9.79 9.81
CA LEU A 99 -3.68 -11.23 10.02
C LEU A 99 -2.32 -11.86 10.27
N THR A 100 -2.11 -12.39 11.46
CA THR A 100 -0.82 -13.07 11.75
C THR A 100 -1.01 -14.57 11.92
N ARG A 101 0.10 -15.31 11.81
CA ARG A 101 0.06 -16.78 11.96
C ARG A 101 -0.29 -17.10 13.40
N GLY A 102 -0.24 -16.14 14.31
CA GLY A 102 -0.58 -16.36 15.73
C GLY A 102 0.47 -17.18 16.45
N LEU A 103 0.08 -18.12 17.30
CA LEU A 103 1.08 -18.87 18.11
C LEU A 103 1.71 -19.98 17.27
N GLY A 104 1.14 -20.32 16.12
CA GLY A 104 1.62 -21.30 15.11
C GLY A 104 0.48 -21.89 14.27
N ASP A 105 0.78 -22.48 13.10
CA ASP A 105 -0.23 -23.16 12.22
C ASP A 105 -0.82 -24.33 13.03
N GLY A 106 -2.08 -24.20 13.51
CA GLY A 106 -2.79 -25.12 14.45
C GLY A 106 -3.63 -24.36 15.48
N THR A 107 -3.04 -23.40 16.18
CA THR A 107 -3.73 -22.38 17.02
C THR A 107 -4.36 -21.35 16.07
N PRO A 108 -5.42 -20.62 16.41
CA PRO A 108 -6.02 -19.68 15.44
C PRO A 108 -5.16 -18.44 15.11
N PRO A 109 -5.19 -17.95 13.86
CA PRO A 109 -4.46 -16.74 13.48
C PRO A 109 -4.99 -15.56 14.29
N THR A 110 -4.16 -14.53 14.44
CA THR A 110 -4.54 -13.28 15.12
C THR A 110 -5.09 -12.33 14.05
N ALA A 111 -6.25 -11.78 14.26
CA ALA A 111 -6.85 -10.84 13.28
C ALA A 111 -7.22 -9.57 14.04
N LEU A 112 -6.84 -8.44 13.49
CA LEU A 112 -7.35 -7.19 14.09
C LEU A 112 -7.41 -6.04 13.10
N ALA A 113 -8.06 -4.98 13.57
CA ALA A 113 -8.28 -3.74 12.81
C ALA A 113 -7.78 -2.62 13.71
N LEU A 114 -7.13 -1.64 13.12
CA LEU A 114 -6.57 -0.50 13.88
C LEU A 114 -6.68 0.74 13.03
N LEU A 115 -7.27 1.79 13.60
CA LEU A 115 -7.65 3.01 12.88
C LEU A 115 -7.01 4.19 13.60
N ALA A 116 -6.38 5.04 12.82
CA ALA A 116 -5.73 6.27 13.31
C ALA A 116 -5.90 7.33 12.25
N PRO A 117 -5.73 8.62 12.61
CA PRO A 117 -5.77 9.69 11.61
C PRO A 117 -4.63 9.57 10.60
N VAL A 118 -4.91 9.91 9.35
CA VAL A 118 -3.83 10.14 8.36
C VAL A 118 -3.05 11.33 8.89
N PRO A 119 -1.73 11.23 9.05
CA PRO A 119 -0.95 12.33 9.58
C PRO A 119 -0.90 13.55 8.66
N ALA A 120 -0.68 14.73 9.26
CA ALA A 120 -0.56 16.01 8.51
C ALA A 120 0.53 15.90 7.45
N ASP A 121 1.65 15.25 7.73
CA ASP A 121 2.77 15.23 6.73
C ASP A 121 2.35 14.39 5.51
N THR A 122 1.68 13.25 5.67
CA THR A 122 1.12 12.47 4.54
C THR A 122 0.10 13.32 3.76
N LEU A 123 -0.85 14.00 4.44
CA LEU A 123 -1.77 14.87 3.71
C LEU A 123 -0.97 15.91 2.93
N ARG A 124 0.10 16.46 3.50
CA ARG A 124 0.85 17.52 2.79
C ARG A 124 1.55 16.97 1.54
N GLN A 125 2.04 15.73 1.60
CA GLN A 125 2.64 15.06 0.41
C GLN A 125 1.58 14.92 -0.69
N ARG A 126 0.36 14.54 -0.32
CA ARG A 126 -0.75 14.51 -1.30
C ARG A 126 -0.93 15.91 -1.90
N ALA A 127 -0.90 16.96 -1.08
CA ALA A 127 -1.19 18.35 -1.55
C ALA A 127 -0.05 18.88 -2.44
N GLU A 128 1.20 18.69 -2.02
CA GLU A 128 2.36 19.44 -2.56
C GLU A 128 3.42 18.56 -3.21
N GLY A 129 3.29 17.24 -3.11
CA GLY A 129 4.17 16.33 -3.87
C GLY A 129 5.42 15.90 -3.10
N ILE A 130 6.24 15.05 -3.72
CA ILE A 130 7.33 14.33 -3.01
C ILE A 130 8.58 14.25 -3.89
N SER A 131 9.71 14.08 -3.22
CA SER A 131 11.01 13.72 -3.83
C SER A 131 11.20 12.23 -3.63
N VAL A 132 11.85 11.56 -4.58
CA VAL A 132 12.14 10.11 -4.41
C VAL A 132 13.59 9.85 -4.76
N ALA A 133 14.12 8.82 -4.12
CA ALA A 133 15.41 8.19 -4.44
C ALA A 133 15.12 6.84 -5.07
N THR A 134 15.90 6.47 -6.08
CA THR A 134 15.86 5.14 -6.72
C THR A 134 16.88 4.27 -5.98
N LEU A 135 16.41 3.16 -5.45
CA LEU A 135 17.30 2.22 -4.73
C LEU A 135 17.13 0.83 -5.32
N GLY A 136 18.24 0.09 -5.44
CA GLY A 136 18.13 -1.28 -6.02
C GLY A 136 17.72 -2.27 -4.97
N LEU A 137 16.85 -3.20 -5.34
CA LEU A 137 16.43 -4.35 -4.50
C LEU A 137 17.41 -5.53 -4.65
N GLY A 138 18.20 -5.54 -5.73
CA GLY A 138 19.25 -6.53 -6.02
C GLY A 138 18.68 -7.77 -6.68
N VAL A 139 17.39 -7.81 -6.99
CA VAL A 139 16.83 -9.05 -7.59
C VAL A 139 16.56 -8.82 -9.06
N PRO A 140 16.84 -9.80 -9.94
CA PRO A 140 16.41 -9.69 -11.34
C PRO A 140 14.89 -9.53 -11.43
N ALA A 141 14.46 -8.78 -12.43
CA ALA A 141 13.03 -8.53 -12.65
C ALA A 141 12.29 -9.87 -12.74
N ASP A 142 12.87 -10.87 -13.37
CA ASP A 142 12.13 -12.13 -13.69
C ASP A 142 12.25 -13.15 -12.54
N PHE A 143 12.94 -12.86 -11.45
CA PHE A 143 13.36 -13.90 -10.48
C PHE A 143 12.19 -14.33 -9.58
N ARG A 144 11.38 -13.39 -9.09
CA ARG A 144 10.39 -13.67 -8.02
C ARG A 144 9.31 -14.60 -8.57
N ALA A 145 8.98 -14.44 -9.84
CA ALA A 145 8.00 -15.33 -10.53
C ALA A 145 8.36 -16.83 -10.34
N GLY A 146 9.64 -17.18 -10.22
CA GLY A 146 10.09 -18.58 -10.03
C GLY A 146 10.50 -18.89 -8.59
N ALA A 147 10.25 -18.01 -7.63
CA ALA A 147 10.76 -18.11 -6.24
C ALA A 147 9.67 -17.66 -5.28
N PRO A 148 8.59 -18.47 -5.15
CA PRO A 148 7.44 -18.07 -4.37
C PRO A 148 7.76 -17.86 -2.86
N TRP A 149 8.85 -18.45 -2.36
CA TRP A 149 9.29 -18.25 -0.96
C TRP A 149 9.68 -16.77 -0.72
N LEU A 150 9.92 -15.97 -1.76
CA LEU A 150 10.29 -14.52 -1.58
C LEU A 150 9.05 -13.66 -1.35
N LEU A 151 7.86 -14.26 -1.44
CA LEU A 151 6.55 -13.63 -1.12
C LEU A 151 6.34 -12.37 -1.99
N GLY A 152 6.77 -12.43 -3.23
CA GLY A 152 6.41 -11.41 -4.23
C GLY A 152 4.89 -11.41 -4.36
N GLY A 153 4.31 -10.24 -4.36
CA GLY A 153 2.89 -10.09 -4.61
C GLY A 153 2.08 -10.22 -3.35
N ALA A 154 2.71 -10.34 -2.17
CA ALA A 154 2.03 -10.41 -0.87
C ALA A 154 2.33 -9.13 -0.10
N LYS A 155 1.30 -8.58 0.56
CA LYS A 155 1.40 -7.35 1.38
C LYS A 155 1.63 -7.83 2.81
N THR A 156 2.90 -7.87 3.26
CA THR A 156 3.23 -8.59 4.51
C THR A 156 3.62 -7.63 5.64
N LEU A 157 3.69 -8.18 6.84
CA LEU A 157 4.19 -7.44 8.01
C LEU A 157 5.71 -7.39 8.01
N SER A 158 6.42 -8.04 7.09
CA SER A 158 7.91 -8.13 7.11
C SER A 158 8.47 -6.98 6.27
N TYR A 159 8.28 -5.74 6.70
CA TYR A 159 8.62 -4.55 5.89
C TYR A 159 9.80 -3.79 6.51
N ALA A 160 10.67 -4.47 7.27
CA ALA A 160 11.84 -3.76 7.82
C ALA A 160 12.65 -3.15 6.69
N VAL A 161 12.82 -3.85 5.58
CA VAL A 161 13.60 -3.33 4.44
C VAL A 161 12.88 -2.14 3.79
N ASN A 162 11.59 -2.27 3.59
CA ASN A 162 10.71 -1.18 3.09
C ASN A 162 10.94 0.10 3.89
N MET A 163 10.93 0.00 5.22
CA MET A 163 11.12 1.17 6.09
C MET A 163 12.58 1.63 6.10
N ALA A 164 13.55 0.73 6.10
CA ALA A 164 14.98 1.08 6.08
C ALA A 164 15.29 1.84 4.79
N ALA A 165 14.68 1.44 3.66
CA ALA A 165 14.89 2.13 2.36
C ALA A 165 14.41 3.58 2.51
N GLN A 166 13.25 3.77 3.13
CA GLN A 166 12.72 5.13 3.32
C GLN A 166 13.63 5.95 4.24
N ARG A 167 14.17 5.36 5.31
CA ARG A 167 15.08 6.15 6.20
C ARG A 167 16.37 6.50 5.45
N HIS A 168 16.88 5.60 4.61
CA HIS A 168 18.06 5.86 3.78
C HIS A 168 17.77 7.02 2.82
N ALA A 169 16.60 7.01 2.17
CA ALA A 169 16.17 8.12 1.28
C ALA A 169 16.05 9.43 2.08
N HIS A 170 15.50 9.38 3.29
CA HIS A 170 15.36 10.57 4.16
CA HIS A 170 15.35 10.58 4.15
C HIS A 170 16.74 11.14 4.45
N ASP A 171 17.72 10.28 4.73
CA ASP A 171 19.13 10.70 4.97
C ASP A 171 19.70 11.48 3.76
N LEU A 172 19.33 11.14 2.52
CA LEU A 172 19.78 11.86 1.29
C LEU A 172 19.03 13.18 1.10
N GLY A 173 17.92 13.37 1.77
CA GLY A 173 17.05 14.52 1.55
C GLY A 173 15.79 14.19 0.78
N ALA A 174 15.43 12.92 0.57
CA ALA A 174 14.27 12.49 -0.23
C ALA A 174 13.13 12.01 0.67
N ASP A 175 11.91 12.09 0.16
CA ASP A 175 10.68 11.73 0.90
C ASP A 175 10.35 10.24 0.77
N ASP A 176 10.72 9.60 -0.34
CA ASP A 176 10.24 8.22 -0.59
C ASP A 176 11.16 7.57 -1.60
N VAL A 177 10.82 6.35 -1.98
CA VAL A 177 11.73 5.45 -2.72
C VAL A 177 10.97 4.86 -3.91
N VAL A 178 11.67 4.68 -5.02
CA VAL A 178 11.25 3.74 -6.08
C VAL A 178 12.31 2.65 -6.14
N PHE A 179 11.92 1.41 -5.88
CA PHE A 179 12.83 0.25 -6.01
C PHE A 179 13.06 -0.09 -7.47
N THR A 180 14.27 -0.61 -7.74
CA THR A 180 14.68 -1.07 -9.08
C THR A 180 15.25 -2.49 -9.03
N SER A 181 15.02 -3.24 -10.10
CA SER A 181 15.55 -4.61 -10.30
C SER A 181 17.05 -4.51 -10.58
N LEU A 182 17.74 -5.64 -10.63
CA LEU A 182 19.19 -5.67 -10.82
C LEU A 182 19.57 -4.99 -12.15
N GLU A 183 18.75 -5.16 -13.19
CA GLU A 183 18.85 -4.66 -14.58
C GLU A 183 18.48 -3.18 -14.67
N GLY A 184 17.86 -2.60 -13.64
CA GLY A 184 17.45 -1.19 -13.64
C GLY A 184 15.96 -1.02 -13.91
N ARG A 185 15.17 -2.10 -13.92
CA ARG A 185 13.73 -1.96 -14.24
C ARG A 185 13.07 -1.36 -12.99
N LEU A 186 12.13 -0.47 -13.21
CA LEU A 186 11.25 0.03 -12.11
C LEU A 186 10.43 -1.11 -11.53
N LEU A 187 10.38 -1.21 -10.22
CA LEU A 187 9.48 -2.16 -9.53
C LEU A 187 8.33 -1.34 -8.93
N GLU A 188 8.51 -0.80 -7.74
CA GLU A 188 7.43 -0.12 -7.01
C GLU A 188 8.04 0.65 -5.86
N GLY A 189 7.21 1.41 -5.17
CA GLY A 189 7.63 2.05 -3.90
C GLY A 189 7.55 1.04 -2.76
N PRO A 190 8.16 1.37 -1.60
CA PRO A 190 8.07 0.54 -0.40
C PRO A 190 6.61 0.31 0.01
N THR A 191 5.74 1.28 -0.23
CA THR A 191 4.31 1.20 0.20
C THR A 191 3.39 1.76 -0.90
N SER A 192 3.84 1.82 -2.14
CA SER A 192 3.09 2.53 -3.20
C SER A 192 3.50 2.02 -4.56
N THR A 193 2.71 2.38 -5.55
CA THR A 193 2.82 1.93 -6.95
C THR A 193 3.24 3.09 -7.85
N VAL A 194 4.18 2.86 -8.75
CA VAL A 194 4.67 3.95 -9.61
C VAL A 194 3.83 3.98 -10.89
N VAL A 195 3.40 5.17 -11.24
CA VAL A 195 2.72 5.47 -12.51
C VAL A 195 3.40 6.68 -13.15
N TRP A 196 3.51 6.67 -14.46
CA TRP A 196 4.11 7.82 -15.16
C TRP A 196 3.37 8.03 -16.47
N ALA A 197 3.37 9.28 -16.93
CA ALA A 197 2.70 9.69 -18.17
C ALA A 197 3.76 9.97 -19.24
N ALA A 198 3.61 9.38 -20.43
CA ALA A 198 4.51 9.68 -21.57
C ALA A 198 3.73 9.37 -22.85
N GLY A 199 3.86 10.22 -23.87
CA GLY A 199 3.26 9.99 -25.20
C GLY A 199 1.75 9.92 -25.16
N GLY A 200 1.13 10.58 -24.19
CA GLY A 200 -0.33 10.61 -24.03
C GLY A 200 -0.88 9.36 -23.34
N THR A 201 0.00 8.50 -22.81
CA THR A 201 -0.36 7.22 -22.18
C THR A 201 0.02 7.24 -20.70
N LEU A 202 -0.81 6.65 -19.86
CA LEU A 202 -0.45 6.29 -18.47
C LEU A 202 0.22 4.92 -18.43
N HIS A 203 1.38 4.85 -17.82
CA HIS A 203 2.23 3.64 -17.74
C HIS A 203 2.38 3.18 -16.30
N THR A 204 2.47 1.87 -16.09
CA THR A 204 2.87 1.31 -14.77
C THR A 204 3.69 0.04 -15.01
N PRO A 205 4.58 -0.37 -14.08
CA PRO A 205 5.38 -1.56 -14.30
C PRO A 205 4.53 -2.82 -14.24
N PRO A 206 4.98 -3.89 -14.91
CA PRO A 206 4.26 -5.16 -14.87
C PRO A 206 4.34 -5.90 -13.53
N VAL A 207 3.25 -6.57 -13.16
CA VAL A 207 3.16 -7.34 -11.87
C VAL A 207 4.02 -8.58 -11.92
N GLU A 208 4.39 -9.08 -13.11
CA GLU A 208 5.15 -10.36 -13.25
C GLU A 208 6.57 -10.22 -12.68
N THR A 209 7.01 -8.99 -12.38
CA THR A 209 8.30 -8.74 -11.66
C THR A 209 8.23 -9.05 -10.16
N GLY A 210 7.07 -9.46 -9.63
CA GLY A 210 6.88 -9.85 -8.21
C GLY A 210 6.50 -8.66 -7.35
N ILE A 211 6.08 -7.54 -7.96
CA ILE A 211 5.57 -6.37 -7.19
C ILE A 211 4.16 -6.65 -6.68
N LEU A 212 3.65 -5.78 -5.81
CA LEU A 212 2.25 -5.89 -5.33
C LEU A 212 1.35 -5.33 -6.43
N PRO A 213 0.23 -5.98 -6.81
CA PRO A 213 -0.74 -5.33 -7.68
C PRO A 213 -1.46 -4.25 -6.87
N GLY A 214 -1.22 -2.99 -7.22
CA GLY A 214 -1.78 -1.86 -6.46
C GLY A 214 -3.23 -1.61 -6.80
N THR A 215 -4.07 -1.43 -5.78
CA THR A 215 -5.53 -1.19 -6.00
C THR A 215 -5.76 0.24 -6.50
N THR A 216 -4.97 1.21 -6.03
CA THR A 216 -5.15 2.61 -6.44
C THR A 216 -4.77 2.77 -7.93
N GLN A 217 -3.64 2.20 -8.33
CA GLN A 217 -3.21 2.15 -9.73
C GLN A 217 -4.31 1.49 -10.58
N ALA A 218 -4.85 0.36 -10.14
CA ALA A 218 -5.86 -0.39 -10.93
C ALA A 218 -7.09 0.49 -11.13
N ARG A 219 -7.53 1.16 -10.07
CA ARG A 219 -8.74 2.04 -10.10
C ARG A 219 -8.48 3.23 -11.04
N LEU A 220 -7.30 3.87 -10.96
CA LEU A 220 -6.93 4.94 -11.94
C LEU A 220 -7.03 4.40 -13.36
N PHE A 221 -6.44 3.24 -13.64
CA PHE A 221 -6.38 2.69 -15.02
C PHE A 221 -7.81 2.43 -15.52
N THR A 222 -8.66 1.90 -14.68
CA THR A 222 -10.08 1.57 -15.05
C THR A 222 -10.80 2.87 -15.45
N ALA A 223 -10.65 3.92 -14.63
CA ALA A 223 -11.28 5.24 -14.85
C ALA A 223 -10.69 5.89 -16.09
N ALA A 224 -9.37 5.79 -16.28
CA ALA A 224 -8.68 6.34 -17.46
C ALA A 224 -9.28 5.72 -18.74
N ALA A 225 -9.51 4.41 -18.76
CA ALA A 225 -10.16 3.74 -19.93
C ALA A 225 -11.54 4.33 -20.21
N ALA A 226 -12.37 4.52 -19.18
CA ALA A 226 -13.74 5.02 -19.35
C ALA A 226 -13.64 6.45 -19.90
N ASP A 227 -12.56 7.15 -19.63
CA ASP A 227 -12.44 8.58 -19.97
C ASP A 227 -11.68 8.77 -21.28
N GLY A 228 -11.14 7.73 -21.88
CA GLY A 228 -10.36 7.80 -23.13
C GLY A 228 -8.91 8.24 -22.95
N TRP A 229 -8.31 7.99 -21.79
CA TRP A 229 -6.86 8.20 -21.55
C TRP A 229 -6.18 6.83 -21.69
N PRO A 230 -5.42 6.56 -22.76
CA PRO A 230 -4.77 5.27 -22.94
C PRO A 230 -3.87 4.89 -21.77
N THR A 231 -3.84 3.61 -21.49
CA THR A 231 -3.00 3.03 -20.41
C THR A 231 -2.12 1.93 -20.97
N SER A 232 -1.01 1.65 -20.30
CA SER A 232 -0.07 0.60 -20.72
C SER A 232 0.66 0.03 -19.51
N VAL A 233 0.93 -1.26 -19.56
CA VAL A 233 1.91 -1.90 -18.63
C VAL A 233 3.22 -1.85 -19.38
N THR A 234 4.23 -1.18 -18.84
CA THR A 234 5.47 -0.85 -19.56
C THR A 234 6.64 -1.21 -18.67
N PRO A 235 7.63 -1.99 -19.16
CA PRO A 235 8.80 -2.34 -18.37
C PRO A 235 9.79 -1.18 -18.36
N GLY A 236 9.39 -0.11 -17.69
CA GLY A 236 10.19 1.13 -17.65
C GLY A 236 11.44 1.00 -16.81
N THR A 237 12.32 1.98 -16.97
CA THR A 237 13.56 2.16 -16.19
C THR A 237 13.57 3.57 -15.55
N VAL A 238 14.61 3.87 -14.81
CA VAL A 238 14.71 5.24 -14.20
C VAL A 238 14.75 6.31 -15.31
N ASP A 239 15.29 5.97 -16.47
CA ASP A 239 15.33 6.90 -17.63
C ASP A 239 13.91 7.37 -17.96
N ASP A 240 12.94 6.46 -17.91
CA ASP A 240 11.53 6.75 -18.20
C ASP A 240 10.99 7.75 -17.20
N LEU A 241 11.44 7.72 -15.94
CA LEU A 241 10.87 8.64 -14.94
C LEU A 241 11.41 10.06 -15.21
N HIS A 242 12.67 10.17 -15.61
CA HIS A 242 13.29 11.49 -15.96
C HIS A 242 12.64 12.06 -17.22
N ALA A 243 12.38 11.20 -18.21
CA ALA A 243 11.90 11.61 -19.55
C ALA A 243 10.38 11.82 -19.52
N ALA A 244 9.66 11.28 -18.54
CA ALA A 244 8.17 11.36 -18.47
C ALA A 244 7.62 12.79 -18.55
N ASP A 245 6.35 12.90 -18.91
CA ASP A 245 5.59 14.17 -18.74
C ASP A 245 5.19 14.35 -17.25
N ALA A 246 4.98 13.27 -16.51
CA ALA A 246 4.61 13.34 -15.07
C ALA A 246 4.88 12.00 -14.43
N VAL A 247 5.20 12.00 -13.12
CA VAL A 247 5.37 10.77 -12.32
C VAL A 247 4.56 10.89 -11.04
N TRP A 248 3.89 9.81 -10.61
CA TRP A 248 3.18 9.72 -9.31
C TRP A 248 3.52 8.44 -8.58
N LEU A 249 3.49 8.50 -7.24
CA LEU A 249 3.32 7.28 -6.43
C LEU A 249 1.88 7.25 -5.98
N LEU A 250 1.25 6.09 -6.15
CA LEU A 250 -0.16 5.86 -5.76
C LEU A 250 -0.23 4.83 -4.63
N SER A 251 -1.12 5.09 -3.68
CA SER A 251 -1.42 4.19 -2.54
C SER A 251 -2.78 4.50 -1.93
N GLY A 252 -3.35 3.51 -1.25
CA GLY A 252 -4.70 3.62 -0.66
C GLY A 252 -4.85 4.82 0.26
N VAL A 253 -3.88 5.08 1.10
CA VAL A 253 -4.04 6.14 2.13
C VAL A 253 -3.48 7.46 1.61
N ARG A 254 -2.19 7.56 1.26
CA ARG A 254 -1.64 8.85 0.81
C ARG A 254 -2.37 9.32 -0.47
N GLY A 255 -2.78 8.39 -1.33
CA GLY A 255 -3.47 8.69 -2.60
C GLY A 255 -2.45 8.96 -3.70
N ALA A 256 -2.64 10.05 -4.45
CA ALA A 256 -1.77 10.36 -5.61
C ALA A 256 -0.77 11.40 -5.13
N ALA A 257 0.49 11.00 -5.06
CA ALA A 257 1.59 11.92 -4.68
C ALA A 257 2.42 12.20 -5.92
N VAL A 258 2.36 13.44 -6.43
CA VAL A 258 3.18 13.79 -7.63
C VAL A 258 4.66 13.79 -7.25
N VAL A 259 5.48 13.20 -8.12
CA VAL A 259 6.94 13.09 -7.87
C VAL A 259 7.62 14.26 -8.59
N HIS A 260 8.05 15.27 -7.83
CA HIS A 260 8.63 16.50 -8.38
C HIS A 260 10.15 16.42 -8.43
N THR A 261 10.76 15.36 -7.89
CA THR A 261 12.24 15.24 -7.87
C THR A 261 12.58 13.76 -7.90
N VAL A 262 13.46 13.36 -8.81
CA VAL A 262 13.95 11.95 -8.93
C VAL A 262 15.47 11.99 -8.78
N ASP A 263 16.00 11.40 -7.70
CA ASP A 263 17.47 11.38 -7.45
C ASP A 263 18.05 12.81 -7.59
N GLY A 264 17.32 13.82 -7.12
CA GLY A 264 17.83 15.21 -7.09
C GLY A 264 17.58 15.94 -8.38
N VAL A 265 16.89 15.31 -9.35
CA VAL A 265 16.56 15.91 -10.66
C VAL A 265 15.10 16.39 -10.62
N ARG A 266 14.94 17.68 -10.50
CA ARG A 266 13.60 18.30 -10.39
C ARG A 266 12.86 18.10 -11.70
N ARG A 267 11.55 17.88 -11.63
CA ARG A 267 10.71 17.67 -12.82
C ARG A 267 9.31 18.23 -12.56
N GLY A 268 8.66 18.66 -13.65
CA GLY A 268 7.27 19.17 -13.62
C GLY A 268 6.31 18.06 -13.91
N ASP A 269 4.99 18.32 -13.95
CA ASP A 269 3.98 17.26 -14.21
C ASP A 269 3.16 17.53 -15.49
N GLY A 270 3.56 18.49 -16.31
CA GLY A 270 2.85 18.80 -17.56
C GLY A 270 1.39 19.15 -17.34
N ASP A 271 1.02 19.59 -16.13
CA ASP A 271 -0.37 19.92 -15.70
C ASP A 271 -1.27 18.69 -15.88
N LEU A 272 -0.71 17.49 -15.73
CA LEU A 272 -1.48 16.24 -15.88
C LEU A 272 -2.06 15.77 -14.54
N SER A 273 -1.65 16.33 -13.39
CA SER A 273 -2.05 15.76 -12.08
C SER A 273 -3.56 16.00 -11.89
N ARG A 274 -4.06 17.12 -12.40
CA ARG A 274 -5.48 17.46 -12.19
C ARG A 274 -6.36 16.32 -12.67
N ARG A 275 -6.12 15.80 -13.87
CA ARG A 275 -7.01 14.78 -14.47
C ARG A 275 -6.85 13.46 -13.72
N VAL A 276 -5.62 13.09 -13.33
CA VAL A 276 -5.43 11.90 -12.47
C VAL A 276 -6.28 12.05 -11.19
N ARG A 277 -6.29 13.23 -10.56
CA ARG A 277 -7.02 13.42 -9.28
C ARG A 277 -8.53 13.34 -9.54
N GLU A 278 -9.00 13.91 -10.64
CA GLU A 278 -10.45 13.87 -10.99
C GLU A 278 -10.86 12.41 -11.19
N LEU A 279 -10.03 11.64 -11.89
CA LEU A 279 -10.35 10.22 -12.17
C LEU A 279 -10.39 9.42 -10.88
N LEU A 280 -9.47 9.71 -9.97
CA LEU A 280 -9.40 8.96 -8.69
C LEU A 280 -10.49 9.43 -7.71
N ALA A 281 -11.17 10.53 -7.99
CA ALA A 281 -12.27 11.01 -7.13
C ALA A 281 -13.57 10.30 -7.51
N1 PLP B . 3.28 -1.42 -3.07
C2 PLP B . 3.49 -1.94 -1.86
C2A PLP B . 4.77 -2.67 -1.63
C3 PLP B . 2.49 -1.86 -0.87
O3 PLP B . 2.73 -2.44 0.32
C4 PLP B . 1.26 -1.20 -1.13
C4A PLP B . 0.21 -1.30 -0.16
C5 PLP B . 1.12 -0.60 -2.39
C6 PLP B . 2.13 -0.74 -3.30
C5A PLP B . -0.06 0.24 -2.75
O4P PLP B . -1.29 -0.49 -2.99
P PLP B . -2.73 0.25 -2.75
O1P PLP B . -2.70 0.82 -1.37
O2P PLP B . -2.86 1.27 -3.88
O3P PLP B . -3.67 -0.94 -2.89
CL CL C . 1.25 0.80 3.92
#